data_4ILT
#
_entry.id   4ILT
#
_cell.length_a   49.192
_cell.length_b   85.125
_cell.length_c   70.264
_cell.angle_alpha   90.000
_cell.angle_beta   95.530
_cell.angle_gamma   90.000
#
_symmetry.space_group_name_H-M   'P 1 21 1'
#
loop_
_entity.id
_entity.type
_entity.pdbx_description
1 polymer 'Intradiol ring-cleavage dioxygenase'
2 non-polymer 'FE (III) ION'
3 non-polymer 'CHLORIDE ION'
4 water water
#
_entity_poly.entity_id   1
_entity_poly.type   'polypeptide(L)'
_entity_poly.pdbx_seq_one_letter_code
;SDPTPDQMEGPYFKPDSPPRTSLVTSSTPGVPLTVSGYVFGRACKPLTGVLLDFWQADTGGAYDMTGFAFRGHQFTGADG
SFTLRTIVPGLYPGRTRHIHVKAQAPGRPVLTTQLYFPGEPRNTTDALFDPALLMNVRSAGPGREGTFDFVLDVA
;
_entity_poly.pdbx_strand_id   A,B,C,D
#
loop_
_chem_comp.id
_chem_comp.type
_chem_comp.name
_chem_comp.formula
CL non-polymer 'CHLORIDE ION' 'Cl -1'
FE non-polymer 'FE (III) ION' 'Fe 3'
#
# COMPACT_ATOMS: atom_id res chain seq x y z
N ASP A 2 -30.31 -25.30 -4.91
CA ASP A 2 -29.75 -25.12 -6.26
C ASP A 2 -28.26 -24.90 -6.12
N PRO A 3 -27.43 -25.58 -6.93
CA PRO A 3 -25.96 -25.57 -6.78
C PRO A 3 -25.38 -24.20 -7.04
N THR A 4 -24.37 -23.81 -6.27
CA THR A 4 -23.75 -22.51 -6.46
C THR A 4 -23.25 -22.28 -7.89
N PRO A 5 -23.77 -21.23 -8.55
CA PRO A 5 -23.44 -20.90 -9.94
C PRO A 5 -21.96 -20.68 -10.05
N ASP A 6 -21.37 -20.99 -11.20
CA ASP A 6 -19.97 -20.67 -11.47
C ASP A 6 -19.88 -19.30 -12.13
N GLN A 7 -18.77 -18.60 -11.91
CA GLN A 7 -18.50 -17.33 -12.61
C GLN A 7 -17.05 -17.27 -13.08
N MET A 8 -16.70 -16.17 -13.77
CA MET A 8 -15.33 -15.92 -14.19
C MET A 8 -14.33 -15.91 -13.02
N GLU A 9 -13.13 -16.41 -13.31
CA GLU A 9 -11.98 -16.28 -12.42
C GLU A 9 -11.54 -14.81 -12.32
N GLY A 10 -11.70 -14.07 -13.41
CA GLY A 10 -11.18 -12.73 -13.48
C GLY A 10 -9.70 -12.74 -13.75
N PRO A 11 -9.06 -11.55 -13.84
CA PRO A 11 -7.65 -11.42 -14.20
C PRO A 11 -6.69 -11.84 -13.11
N TYR A 12 -7.12 -11.87 -11.86
CA TYR A 12 -6.15 -11.82 -10.76
C TYR A 12 -5.92 -13.04 -9.84
N PHE A 13 -6.23 -14.25 -10.30
CA PHE A 13 -5.99 -15.46 -9.49
C PHE A 13 -4.51 -15.81 -9.39
N LYS A 14 -4.08 -16.35 -8.25
CA LYS A 14 -2.72 -16.87 -8.15
C LYS A 14 -2.75 -18.26 -7.56
N PRO A 15 -2.15 -19.23 -8.24
CA PRO A 15 -2.11 -20.59 -7.72
C PRO A 15 -1.19 -20.70 -6.52
N ASP A 16 -1.41 -21.75 -5.71
CA ASP A 16 -0.52 -22.12 -4.61
C ASP A 16 -0.55 -21.18 -3.43
N SER A 17 -1.75 -20.68 -3.14
CA SER A 17 -2.00 -19.81 -1.99
C SER A 17 -1.68 -20.55 -0.70
N PRO A 18 -1.18 -19.80 0.31
CA PRO A 18 -0.87 -20.38 1.62
C PRO A 18 -2.16 -20.82 2.26
N PRO A 19 -2.10 -21.84 3.13
CA PRO A 19 -3.28 -22.29 3.87
C PRO A 19 -3.55 -21.32 4.99
N ARG A 20 -4.58 -20.50 4.91
CA ARG A 20 -4.89 -19.67 6.06
C ARG A 20 -6.36 -19.32 6.08
N THR A 21 -6.93 -19.37 7.28
CA THR A 21 -8.30 -18.97 7.47
C THR A 21 -8.39 -17.49 7.84
N SER A 22 -7.25 -16.84 8.04
CA SER A 22 -7.27 -15.39 8.22
C SER A 22 -6.41 -14.74 7.16
N LEU A 23 -6.96 -13.74 6.50
CA LEU A 23 -6.32 -13.12 5.36
C LEU A 23 -5.71 -11.81 5.82
N VAL A 24 -5.96 -11.46 7.06
CA VAL A 24 -5.46 -10.21 7.59
C VAL A 24 -4.78 -10.42 8.91
N THR A 25 -4.14 -9.36 9.39
CA THR A 25 -3.60 -9.33 10.74
C THR A 25 -4.21 -8.16 11.50
N SER A 26 -3.67 -7.89 12.67
CA SER A 26 -4.19 -6.88 13.56
C SER A 26 -3.72 -5.50 13.15
N SER A 27 -2.98 -5.45 12.04
CA SER A 27 -2.47 -4.18 11.56
C SER A 27 -2.90 -3.90 10.13
N THR A 28 -3.68 -4.82 9.56
CA THR A 28 -4.24 -4.61 8.23
C THR A 28 -5.22 -3.47 8.21
N PRO A 29 -5.04 -2.57 7.24
CA PRO A 29 -6.04 -1.51 7.05
C PRO A 29 -7.34 -2.07 6.45
N GLY A 30 -8.48 -1.55 6.92
CA GLY A 30 -9.75 -1.85 6.30
C GLY A 30 -10.85 -2.14 7.29
N VAL A 31 -12.10 -2.12 6.82
CA VAL A 31 -13.24 -2.48 7.63
C VAL A 31 -13.26 -3.98 7.85
N PRO A 32 -13.25 -4.42 9.12
CA PRO A 32 -13.22 -5.85 9.49
C PRO A 32 -14.38 -6.65 8.86
N LEU A 33 -14.09 -7.84 8.32
CA LEU A 33 -15.11 -8.70 7.72
C LEU A 33 -14.80 -10.18 7.94
N THR A 34 -15.75 -10.90 8.52
CA THR A 34 -15.68 -12.35 8.57
C THR A 34 -16.75 -12.98 7.68
N VAL A 35 -16.34 -13.90 6.80
CA VAL A 35 -17.29 -14.65 5.98
C VAL A 35 -17.26 -16.09 6.49
N SER A 36 -18.41 -16.62 6.90
CA SER A 36 -18.49 -17.99 7.39
C SER A 36 -19.74 -18.63 6.85
N GLY A 37 -19.80 -19.95 6.87
CA GLY A 37 -20.98 -20.66 6.43
C GLY A 37 -20.73 -22.15 6.32
N TYR A 38 -21.54 -22.81 5.51
CA TYR A 38 -21.31 -24.23 5.28
C TYR A 38 -21.16 -24.51 3.79
N VAL A 39 -20.66 -25.70 3.51
CA VAL A 39 -20.73 -26.24 2.19
C VAL A 39 -21.61 -27.45 2.30
N PHE A 40 -22.71 -27.48 1.55
CA PHE A 40 -23.58 -28.64 1.55
C PHE A 40 -23.39 -29.35 0.24
N GLY A 41 -23.67 -30.64 0.22
CA GLY A 41 -23.66 -31.41 -1.01
C GLY A 41 -25.09 -31.70 -1.40
N ARG A 42 -25.31 -32.81 -2.10
CA ARG A 42 -26.65 -33.29 -2.42
C ARG A 42 -27.35 -33.66 -1.14
N ALA A 43 -28.66 -33.36 -1.07
CA ALA A 43 -29.52 -33.79 0.04
C ALA A 43 -29.11 -33.23 1.40
N CYS A 44 -28.69 -31.98 1.44
CA CYS A 44 -28.37 -31.27 2.69
C CYS A 44 -27.27 -31.87 3.54
N LYS A 45 -26.42 -32.69 2.92
CA LYS A 45 -25.28 -33.22 3.65
C LYS A 45 -24.20 -32.17 3.80
N PRO A 46 -23.92 -31.74 5.04
CA PRO A 46 -22.77 -30.84 5.19
C PRO A 46 -21.48 -31.58 4.81
N LEU A 47 -20.66 -30.93 3.99
CA LEU A 47 -19.49 -31.57 3.39
C LEU A 47 -18.23 -31.23 4.13
N THR A 48 -17.40 -32.24 4.33
CA THR A 48 -16.15 -32.13 5.05
C THR A 48 -14.94 -32.18 4.09
N GLY A 49 -13.85 -31.52 4.47
CA GLY A 49 -12.61 -31.53 3.71
C GLY A 49 -12.70 -30.92 2.32
N VAL A 50 -13.67 -30.02 2.12
CA VAL A 50 -13.82 -29.29 0.85
C VAL A 50 -12.88 -28.09 0.77
N LEU A 51 -12.10 -28.01 -0.30
CA LEU A 51 -11.17 -26.91 -0.47
C LEU A 51 -11.86 -25.62 -0.84
N LEU A 52 -11.50 -24.57 -0.12
CA LEU A 52 -12.02 -23.24 -0.35
C LEU A 52 -10.85 -22.28 -0.46
N ASP A 53 -10.65 -21.76 -1.65
CA ASP A 53 -9.50 -20.91 -1.91
C ASP A 53 -10.05 -19.50 -2.23
N PHE A 54 -9.75 -18.53 -1.37
CA PHE A 54 -10.34 -17.20 -1.49
C PHE A 54 -9.31 -16.23 -1.97
N TRP A 55 -9.79 -15.17 -2.63
CA TRP A 55 -8.92 -14.06 -3.02
C TRP A 55 -9.73 -12.83 -3.40
N GLN A 56 -9.20 -11.67 -3.06
CA GLN A 56 -9.92 -10.42 -3.17
C GLN A 56 -8.98 -9.25 -3.26
N ALA A 57 -9.52 -8.08 -3.55
CA ALA A 57 -8.77 -6.83 -3.57
C ALA A 57 -8.56 -6.37 -2.15
N ASP A 58 -7.58 -5.49 -1.93
CA ASP A 58 -7.38 -4.91 -0.61
C ASP A 58 -8.41 -3.81 -0.38
N THR A 59 -8.30 -3.10 0.75
CA THR A 59 -9.31 -2.10 1.13
C THR A 59 -9.42 -0.98 0.07
N GLY A 60 -8.36 -0.81 -0.70
CA GLY A 60 -8.28 0.22 -1.72
C GLY A 60 -8.67 -0.24 -3.11
N GLY A 61 -8.90 -1.54 -3.26
CA GLY A 61 -9.47 -2.03 -4.50
C GLY A 61 -8.42 -2.69 -5.34
N ALA A 62 -7.33 -3.08 -4.67
CA ALA A 62 -6.12 -3.54 -5.34
C ALA A 62 -5.78 -5.00 -5.07
N TYR A 63 -5.54 -5.75 -6.13
CA TYR A 63 -5.12 -7.15 -6.03
C TYR A 63 -3.58 -7.27 -5.97
N ASP A 64 -3.09 -8.19 -5.14
CA ASP A 64 -1.65 -8.31 -4.92
C ASP A 64 -1.06 -9.37 -5.84
N MET A 65 -0.46 -8.94 -6.96
CA MET A 65 0.10 -9.91 -7.90
C MET A 65 1.51 -10.38 -7.58
N THR A 66 2.20 -9.67 -6.71
CA THR A 66 3.60 -10.02 -6.39
C THR A 66 3.70 -10.99 -5.23
N GLY A 67 2.80 -10.85 -4.27
CA GLY A 67 2.78 -11.74 -3.13
C GLY A 67 1.52 -12.56 -3.00
N PHE A 68 1.14 -12.85 -1.77
CA PHE A 68 -0.07 -13.61 -1.54
C PHE A 68 -1.00 -12.93 -0.57
N ALA A 69 -0.82 -11.62 -0.42
CA ALA A 69 -1.74 -10.82 0.37
C ALA A 69 -3.17 -11.04 -0.10
N PHE A 70 -4.07 -11.18 0.87
CA PHE A 70 -5.48 -11.35 0.61
C PHE A 70 -5.78 -12.58 -0.24
N ARG A 71 -4.88 -13.55 -0.14
CA ARG A 71 -5.01 -14.87 -0.74
C ARG A 71 -4.78 -15.90 0.36
N GLY A 72 -5.65 -16.92 0.43
CA GLY A 72 -5.52 -17.96 1.43
C GLY A 72 -6.62 -18.99 1.27
N HIS A 73 -6.32 -20.25 1.55
CA HIS A 73 -7.30 -21.32 1.41
C HIS A 73 -7.44 -22.11 2.70
N GLN A 74 -8.60 -22.73 2.87
CA GLN A 74 -8.86 -23.55 4.02
C GLN A 74 -9.63 -24.78 3.57
N PHE A 75 -9.92 -25.66 4.52
CA PHE A 75 -10.78 -26.80 4.28
C PHE A 75 -11.89 -26.79 5.31
N THR A 76 -13.13 -26.97 4.88
CA THR A 76 -14.28 -27.02 5.77
C THR A 76 -14.10 -28.07 6.91
N GLY A 77 -14.61 -27.77 8.08
CA GLY A 77 -14.44 -28.68 9.19
C GLY A 77 -15.30 -29.91 9.03
N ALA A 78 -15.27 -30.73 10.07
CA ALA A 78 -16.03 -31.97 10.13
C ALA A 78 -17.55 -31.73 10.09
N ASP A 79 -17.98 -30.57 10.57
CA ASP A 79 -19.41 -30.25 10.53
C ASP A 79 -19.82 -29.44 9.30
N GLY A 80 -18.87 -29.26 8.37
CA GLY A 80 -19.14 -28.61 7.10
C GLY A 80 -18.88 -27.12 7.09
N SER A 81 -18.54 -26.56 8.23
CA SER A 81 -18.40 -25.12 8.32
C SER A 81 -17.11 -24.60 7.73
N PHE A 82 -17.12 -23.34 7.32
CA PHE A 82 -15.89 -22.67 6.95
C PHE A 82 -15.83 -21.28 7.59
N THR A 83 -14.63 -20.72 7.70
CA THR A 83 -14.53 -19.40 8.30
C THR A 83 -13.41 -18.62 7.66
N LEU A 84 -13.71 -17.41 7.24
CA LEU A 84 -12.73 -16.57 6.62
C LEU A 84 -12.75 -15.21 7.29
N ARG A 85 -11.61 -14.82 7.86
CA ARG A 85 -11.41 -13.49 8.43
C ARG A 85 -10.68 -12.57 7.46
N THR A 86 -11.31 -11.45 7.12
CA THR A 86 -10.71 -10.58 6.15
C THR A 86 -11.17 -9.15 6.40
N ILE A 87 -10.95 -8.27 5.45
CA ILE A 87 -11.50 -6.93 5.50
C ILE A 87 -12.37 -6.79 4.25
N VAL A 88 -13.26 -5.79 4.24
CA VAL A 88 -14.10 -5.52 3.08
C VAL A 88 -13.27 -5.03 1.89
N PRO A 89 -13.40 -5.69 0.72
CA PRO A 89 -12.57 -5.25 -0.43
C PRO A 89 -13.10 -3.99 -1.08
N GLY A 90 -12.20 -3.21 -1.68
CA GLY A 90 -12.59 -1.97 -2.32
C GLY A 90 -13.05 -2.22 -3.74
N LEU A 91 -13.61 -1.18 -4.35
CA LEU A 91 -14.14 -1.29 -5.68
C LEU A 91 -13.03 -1.24 -6.71
N TYR A 92 -12.72 -2.38 -7.32
CA TYR A 92 -11.86 -2.41 -8.49
C TYR A 92 -12.64 -1.81 -9.67
N PRO A 93 -11.96 -1.00 -10.48
CA PRO A 93 -12.61 -0.32 -11.62
C PRO A 93 -13.40 -1.25 -12.56
N GLY A 94 -14.70 -0.97 -12.70
CA GLY A 94 -15.56 -1.72 -13.60
C GLY A 94 -16.30 -2.89 -12.99
N ARG A 95 -15.98 -3.23 -11.74
CA ARG A 95 -16.60 -4.36 -11.06
C ARG A 95 -17.35 -3.88 -9.82
N THR A 96 -18.43 -4.55 -9.45
CA THR A 96 -19.06 -4.32 -8.15
C THR A 96 -18.21 -5.00 -7.09
N ARG A 97 -18.46 -4.71 -5.81
CA ARG A 97 -17.70 -5.31 -4.73
C ARG A 97 -17.91 -6.82 -4.74
N HIS A 98 -16.81 -7.56 -4.67
CA HIS A 98 -16.88 -9.01 -4.77
C HIS A 98 -15.66 -9.64 -4.12
N ILE A 99 -15.82 -10.89 -3.69
CA ILE A 99 -14.70 -11.75 -3.24
C ILE A 99 -14.70 -13.01 -4.11
N HIS A 100 -13.54 -13.43 -4.59
CA HIS A 100 -13.45 -14.65 -5.39
C HIS A 100 -13.22 -15.88 -4.52
N VAL A 101 -13.70 -17.01 -5.03
CA VAL A 101 -13.47 -18.26 -4.34
C VAL A 101 -13.48 -19.41 -5.35
N LYS A 102 -12.61 -20.39 -5.06
CA LYS A 102 -12.64 -21.63 -5.76
C LYS A 102 -12.99 -22.67 -4.70
N ALA A 103 -13.97 -23.50 -5.02
CA ALA A 103 -14.38 -24.53 -4.09
C ALA A 103 -14.19 -25.85 -4.81
N GLN A 104 -13.65 -26.81 -4.09
CA GLN A 104 -13.38 -28.12 -4.68
C GLN A 104 -13.66 -29.19 -3.65
N ALA A 105 -14.67 -30.00 -3.93
CA ALA A 105 -14.99 -31.14 -3.08
C ALA A 105 -13.94 -32.17 -3.35
N PRO A 106 -13.66 -33.03 -2.36
CA PRO A 106 -12.64 -34.08 -2.55
C PRO A 106 -12.87 -34.90 -3.83
N GLY A 107 -11.92 -34.81 -4.76
CA GLY A 107 -11.89 -35.57 -6.00
C GLY A 107 -12.84 -35.14 -7.11
N ARG A 108 -13.43 -33.98 -6.97
CA ARG A 108 -14.37 -33.47 -7.96
C ARG A 108 -13.77 -32.22 -8.61
N PRO A 109 -14.35 -31.79 -9.75
CA PRO A 109 -13.68 -30.63 -10.36
C PRO A 109 -13.87 -29.30 -9.60
N VAL A 110 -13.05 -28.30 -9.96
CA VAL A 110 -13.07 -27.01 -9.28
C VAL A 110 -14.31 -26.17 -9.66
N LEU A 111 -14.95 -25.58 -8.65
CA LEU A 111 -15.94 -24.56 -8.87
C LEU A 111 -15.27 -23.20 -8.64
N THR A 112 -15.27 -22.36 -9.67
CA THR A 112 -14.75 -21.02 -9.54
C THR A 112 -15.92 -20.06 -9.56
N THR A 113 -16.02 -19.21 -8.55
CA THR A 113 -17.16 -18.31 -8.45
C THR A 113 -16.84 -17.05 -7.67
N GLN A 114 -17.86 -16.24 -7.39
CA GLN A 114 -17.64 -14.96 -6.74
C GLN A 114 -18.76 -14.69 -5.77
N LEU A 115 -18.44 -14.02 -4.65
CA LEU A 115 -19.46 -13.58 -3.67
C LEU A 115 -19.60 -12.07 -3.65
N TYR A 116 -20.86 -11.63 -3.65
CA TYR A 116 -21.25 -10.22 -3.74
C TYR A 116 -21.83 -9.73 -2.40
N PHE A 117 -21.89 -8.40 -2.25
CA PHE A 117 -22.38 -7.74 -1.04
C PHE A 117 -23.73 -7.04 -1.26
N PRO A 118 -24.63 -7.05 -0.26
CA PRO A 118 -25.95 -6.41 -0.43
C PRO A 118 -25.86 -4.89 -0.51
N GLY A 119 -26.70 -4.28 -1.33
CA GLY A 119 -26.85 -2.82 -1.36
C GLY A 119 -25.69 -2.01 -1.93
N GLU A 120 -24.77 -2.68 -2.62
CA GLU A 120 -23.77 -2.00 -3.43
C GLU A 120 -24.44 -1.41 -4.66
N PRO A 121 -24.30 -0.08 -4.87
CA PRO A 121 -24.84 0.56 -6.09
C PRO A 121 -24.43 -0.10 -7.41
N ARG A 122 -23.17 -0.54 -7.52
CA ARG A 122 -22.71 -1.19 -8.75
C ARG A 122 -23.36 -2.56 -9.02
N ASN A 123 -24.25 -3.00 -8.13
CA ASN A 123 -24.97 -4.22 -8.39
C ASN A 123 -25.94 -4.00 -9.53
N THR A 124 -26.40 -2.76 -9.70
CA THR A 124 -27.31 -2.45 -10.82
C THR A 124 -26.62 -2.55 -12.18
N THR A 125 -25.30 -2.32 -12.20
CA THR A 125 -24.56 -2.17 -13.45
C THR A 125 -23.57 -3.28 -13.78
N ASP A 126 -23.09 -4.03 -12.79
CA ASP A 126 -22.16 -5.13 -13.04
C ASP A 126 -22.91 -6.34 -13.54
N ALA A 127 -22.48 -6.86 -14.68
CA ALA A 127 -23.20 -7.93 -15.34
C ALA A 127 -22.96 -9.24 -14.64
N LEU A 128 -21.84 -9.37 -13.94
CA LEU A 128 -21.51 -10.59 -13.21
C LEU A 128 -22.31 -10.75 -11.91
N PHE A 129 -22.90 -9.66 -11.43
CA PHE A 129 -23.69 -9.73 -10.21
C PHE A 129 -24.87 -10.67 -10.40
N ASP A 130 -25.04 -11.54 -9.41
CA ASP A 130 -26.03 -12.60 -9.40
C ASP A 130 -26.57 -12.75 -7.98
N PRO A 131 -27.89 -12.64 -7.80
CA PRO A 131 -28.47 -12.80 -6.45
C PRO A 131 -28.08 -14.12 -5.75
N ALA A 132 -27.93 -15.21 -6.49
CA ALA A 132 -27.56 -16.49 -5.91
C ALA A 132 -26.19 -16.43 -5.19
N LEU A 133 -25.43 -15.38 -5.47
CA LEU A 133 -24.06 -15.27 -4.96
C LEU A 133 -23.95 -14.16 -3.92
N LEU A 134 -25.09 -13.63 -3.47
CA LEU A 134 -25.14 -12.60 -2.43
C LEU A 134 -24.93 -13.16 -1.05
N MET A 135 -23.94 -12.63 -0.35
CA MET A 135 -23.77 -12.94 1.06
C MET A 135 -24.82 -12.21 1.88
N ASN A 136 -25.13 -12.76 3.04
CA ASN A 136 -25.90 -12.03 4.04
C ASN A 136 -24.94 -11.22 4.93
N VAL A 137 -25.10 -9.91 5.01
CA VAL A 137 -24.18 -9.11 5.82
C VAL A 137 -24.86 -8.25 6.86
N ARG A 138 -24.44 -8.40 8.12
CA ARG A 138 -24.98 -7.62 9.23
C ARG A 138 -23.80 -6.88 9.85
N SER A 139 -24.06 -5.85 10.65
CA SER A 139 -22.96 -5.10 11.26
C SER A 139 -22.64 -5.56 12.68
N ALA A 140 -21.83 -6.61 12.80
CA ALA A 140 -21.32 -7.06 14.09
C ALA A 140 -20.06 -6.32 14.55
N GLY A 141 -20.23 -5.54 15.62
CA GLY A 141 -19.16 -4.83 16.31
C GLY A 141 -18.47 -3.73 15.53
N PRO A 142 -17.12 -3.77 15.51
CA PRO A 142 -16.28 -2.81 14.79
C PRO A 142 -16.42 -2.99 13.28
N GLY A 143 -16.70 -4.21 12.83
CA GLY A 143 -16.79 -4.45 11.40
C GLY A 143 -18.06 -5.17 10.97
N ARG A 144 -17.95 -6.05 9.97
CA ARG A 144 -19.13 -6.66 9.37
C ARG A 144 -19.04 -8.19 9.30
N GLU A 145 -20.18 -8.86 9.51
CA GLU A 145 -20.27 -10.31 9.40
C GLU A 145 -21.09 -10.81 8.22
N GLY A 146 -20.48 -11.64 7.40
CA GLY A 146 -21.12 -12.20 6.22
C GLY A 146 -21.36 -13.70 6.37
N THR A 147 -22.44 -14.19 5.77
CA THR A 147 -22.69 -15.63 5.69
C THR A 147 -23.13 -16.06 4.29
N PHE A 148 -22.70 -17.24 3.91
CA PHE A 148 -23.03 -17.82 2.64
C PHE A 148 -22.89 -19.34 2.71
N ASP A 149 -23.85 -20.07 2.17
CA ASP A 149 -23.72 -21.52 2.06
C ASP A 149 -23.45 -21.88 0.61
N PHE A 150 -22.38 -22.65 0.36
CA PHE A 150 -22.15 -23.21 -0.97
C PHE A 150 -22.98 -24.48 -1.09
N VAL A 151 -23.50 -24.75 -2.28
CA VAL A 151 -24.20 -25.99 -2.50
C VAL A 151 -23.51 -26.65 -3.67
N LEU A 152 -22.94 -27.82 -3.43
CA LEU A 152 -22.21 -28.54 -4.47
C LEU A 152 -22.94 -29.79 -4.95
N ASP A 153 -23.04 -29.95 -6.26
CA ASP A 153 -23.70 -31.12 -6.80
C ASP A 153 -22.85 -32.34 -6.58
N VAL A 154 -22.87 -32.85 -5.35
CA VAL A 154 -21.98 -33.94 -4.98
C VAL A 154 -22.51 -34.70 -3.75
N ALA A 155 -22.51 -36.04 -3.81
CA ALA A 155 -22.92 -36.84 -2.66
C ALA A 155 -21.73 -37.45 -1.90
N ASP B 2 8.80 0.67 18.23
CA ASP B 2 10.21 0.32 18.50
C ASP B 2 10.73 -0.60 17.39
N PRO B 3 11.95 -0.37 16.89
CA PRO B 3 12.45 -1.17 15.75
C PRO B 3 12.71 -2.62 16.14
N THR B 4 12.43 -3.52 15.20
CA THR B 4 12.72 -4.93 15.39
C THR B 4 14.18 -5.16 15.75
N PRO B 5 14.43 -5.74 16.94
CA PRO B 5 15.75 -6.08 17.51
C PRO B 5 16.57 -7.07 16.65
N ASP B 6 17.89 -6.91 16.63
CA ASP B 6 18.76 -7.82 15.91
C ASP B 6 19.25 -8.95 16.80
N GLN B 7 19.48 -10.11 16.19
CA GLN B 7 20.09 -11.24 16.88
C GLN B 7 21.18 -11.91 16.04
N MET B 8 21.86 -12.87 16.65
CA MET B 8 22.82 -13.70 15.98
C MET B 8 22.28 -14.32 14.72
N GLU B 9 23.17 -14.54 13.77
CA GLU B 9 22.88 -15.37 12.60
C GLU B 9 22.65 -16.84 12.96
N GLY B 10 23.37 -17.32 13.98
CA GLY B 10 23.40 -18.74 14.28
C GLY B 10 24.41 -19.42 13.36
N PRO B 11 24.59 -20.74 13.51
CA PRO B 11 25.58 -21.46 12.70
C PRO B 11 25.14 -21.74 11.25
N TYR B 12 23.85 -21.74 10.99
CA TYR B 12 23.37 -22.44 9.80
C TYR B 12 22.83 -21.58 8.66
N PHE B 13 23.23 -20.31 8.52
CA PHE B 13 22.78 -19.54 7.38
C PHE B 13 23.49 -19.95 6.10
N LYS B 14 22.75 -19.91 4.98
CA LYS B 14 23.36 -20.14 3.66
C LYS B 14 22.94 -19.08 2.67
N PRO B 15 23.91 -18.54 1.94
CA PRO B 15 23.60 -17.56 0.90
C PRO B 15 22.89 -18.22 -0.28
N ASP B 16 22.17 -17.40 -1.06
CA ASP B 16 21.57 -17.80 -2.33
C ASP B 16 20.34 -18.71 -2.21
N SER B 17 19.53 -18.52 -1.18
CA SER B 17 18.29 -19.28 -1.09
C SER B 17 17.45 -18.95 -2.31
N PRO B 18 16.68 -19.93 -2.79
CA PRO B 18 15.78 -19.75 -3.93
C PRO B 18 14.65 -18.78 -3.62
N PRO B 19 14.11 -18.11 -4.65
CA PRO B 19 12.97 -17.21 -4.44
C PRO B 19 11.69 -18.00 -4.23
N ARG B 20 11.21 -18.11 -2.99
CA ARG B 20 9.92 -18.77 -2.75
C ARG B 20 9.23 -18.34 -1.45
N THR B 21 7.91 -18.19 -1.52
CA THR B 21 7.10 -17.89 -0.36
C THR B 21 6.52 -19.17 0.24
N SER B 22 6.79 -20.31 -0.38
CA SER B 22 6.45 -21.58 0.27
C SER B 22 7.66 -22.46 0.41
N LEU B 23 7.87 -23.02 1.60
CA LEU B 23 9.05 -23.84 1.86
C LEU B 23 8.72 -25.34 1.95
N VAL B 24 7.43 -25.64 1.87
CA VAL B 24 6.91 -27.01 1.94
C VAL B 24 5.84 -27.36 0.88
N THR B 25 5.43 -28.64 0.88
CA THR B 25 4.23 -29.08 0.18
C THR B 25 3.31 -29.61 1.24
N SER B 26 2.16 -30.17 0.85
CA SER B 26 1.18 -30.60 1.85
C SER B 26 1.57 -31.99 2.34
N SER B 27 2.67 -32.48 1.80
CA SER B 27 3.13 -33.82 2.13
C SER B 27 4.47 -33.73 2.87
N THR B 28 4.94 -32.51 3.06
CA THR B 28 6.09 -32.27 3.93
C THR B 28 5.63 -32.61 5.36
N PRO B 29 6.44 -33.40 6.09
CA PRO B 29 6.09 -33.76 7.47
C PRO B 29 6.28 -32.59 8.42
N GLY B 30 5.35 -32.42 9.35
CA GLY B 30 5.45 -31.39 10.38
C GLY B 30 4.10 -30.74 10.56
N VAL B 31 3.93 -29.95 11.64
CA VAL B 31 2.68 -29.21 11.77
C VAL B 31 2.69 -28.00 10.84
N PRO B 32 1.71 -27.94 9.92
CA PRO B 32 1.64 -26.87 8.93
C PRO B 32 1.71 -25.50 9.59
N LEU B 33 2.49 -24.57 9.04
CA LEU B 33 2.53 -23.22 9.60
C LEU B 33 2.62 -22.14 8.53
N THR B 34 1.66 -21.21 8.57
CA THR B 34 1.69 -20.03 7.71
C THR B 34 2.04 -18.83 8.54
N VAL B 35 3.06 -18.09 8.12
CA VAL B 35 3.41 -16.89 8.84
C VAL B 35 3.20 -15.70 7.94
N SER B 36 2.42 -14.73 8.38
CA SER B 36 2.21 -13.56 7.53
C SER B 36 2.25 -12.23 8.32
N GLY B 37 2.52 -11.13 7.59
CA GLY B 37 2.58 -9.82 8.18
C GLY B 37 3.11 -8.72 7.27
N TYR B 38 3.59 -7.65 7.87
CA TYR B 38 4.11 -6.51 7.14
C TYR B 38 5.53 -6.13 7.52
N VAL B 39 6.12 -5.26 6.70
CA VAL B 39 7.35 -4.55 7.07
C VAL B 39 7.05 -3.08 7.06
N PHE B 40 7.24 -2.41 8.19
CA PHE B 40 6.98 -0.98 8.30
C PHE B 40 8.29 -0.23 8.39
N GLY B 41 8.24 1.05 8.06
CA GLY B 41 9.39 1.93 8.21
C GLY B 41 9.21 2.91 9.34
N ARG B 42 9.83 4.07 9.21
CA ARG B 42 9.49 5.16 10.10
C ARG B 42 8.06 5.58 9.80
N ALA B 43 7.33 5.92 10.85
CA ALA B 43 6.00 6.49 10.72
C ALA B 43 5.02 5.53 10.08
N CYS B 44 5.11 4.26 10.45
CA CYS B 44 4.11 3.25 10.05
C CYS B 44 3.95 3.10 8.53
N LYS B 45 4.97 3.53 7.80
CA LYS B 45 5.00 3.42 6.35
C LYS B 45 5.29 1.99 5.98
N PRO B 46 4.36 1.34 5.28
CA PRO B 46 4.63 -0.01 4.76
C PRO B 46 5.74 0.01 3.73
N LEU B 47 6.70 -0.90 3.83
CA LEU B 47 7.84 -0.90 2.93
C LEU B 47 7.72 -1.95 1.80
N THR B 48 8.02 -1.51 0.57
CA THR B 48 7.93 -2.42 -0.57
C THR B 48 9.35 -2.83 -0.99
N GLY B 49 9.48 -4.01 -1.56
CA GLY B 49 10.78 -4.47 -2.04
C GLY B 49 11.80 -4.73 -0.95
N VAL B 50 11.30 -5.00 0.25
CA VAL B 50 12.18 -5.39 1.35
C VAL B 50 12.49 -6.86 1.18
N LEU B 51 13.76 -7.21 1.23
CA LEU B 51 14.17 -8.62 1.17
C LEU B 51 13.88 -9.28 2.52
N LEU B 52 13.24 -10.45 2.48
CA LEU B 52 13.06 -11.22 3.70
C LEU B 52 13.52 -12.62 3.36
N ASP B 53 14.63 -13.05 3.98
CA ASP B 53 15.25 -14.34 3.69
C ASP B 53 15.10 -15.16 4.92
N PHE B 54 14.29 -16.21 4.85
CA PHE B 54 13.96 -17.00 6.02
C PHE B 54 14.70 -18.31 5.98
N TRP B 55 14.90 -18.90 7.14
CA TRP B 55 15.47 -20.25 7.18
C TRP B 55 15.23 -20.85 8.54
N GLN B 56 15.06 -22.17 8.58
CA GLN B 56 14.64 -22.81 9.82
C GLN B 56 14.99 -24.30 9.82
N ALA B 57 14.82 -24.94 10.97
CA ALA B 57 15.03 -26.37 11.10
C ALA B 57 13.80 -27.09 10.57
N ASP B 58 13.95 -28.37 10.23
CA ASP B 58 12.83 -29.18 9.81
C ASP B 58 12.06 -29.59 11.05
N THR B 59 11.07 -30.47 10.90
CA THR B 59 10.22 -30.82 12.04
C THR B 59 10.97 -31.49 13.19
N GLY B 60 12.12 -32.10 12.87
CA GLY B 60 12.91 -32.84 13.83
C GLY B 60 14.01 -32.05 14.51
N GLY B 61 14.23 -30.83 14.03
CA GLY B 61 15.15 -29.92 14.69
C GLY B 61 16.45 -29.78 13.94
N ALA B 62 16.42 -30.13 12.65
CA ALA B 62 17.62 -30.27 11.81
C ALA B 62 17.77 -29.30 10.61
N TYR B 63 18.89 -28.63 10.56
CA TYR B 63 19.17 -27.72 9.46
C TYR B 63 19.91 -28.43 8.33
N ASP B 64 19.52 -28.09 7.10
CA ASP B 64 20.02 -28.70 5.88
C ASP B 64 21.19 -27.89 5.33
N MET B 65 22.41 -28.34 5.57
CA MET B 65 23.56 -27.56 5.11
C MET B 65 24.00 -27.86 3.67
N THR B 66 23.48 -28.94 3.08
CA THR B 66 23.91 -29.26 1.72
C THR B 66 22.99 -28.70 0.62
N GLY B 67 21.69 -28.66 0.90
CA GLY B 67 20.74 -28.17 -0.09
C GLY B 67 20.09 -26.88 0.33
N PHE B 68 18.83 -26.69 -0.06
CA PHE B 68 18.11 -25.46 0.34
C PHE B 68 16.75 -25.75 0.96
N ALA B 69 16.59 -26.95 1.51
CA ALA B 69 15.40 -27.29 2.30
C ALA B 69 15.15 -26.23 3.39
N PHE B 70 13.90 -25.82 3.54
CA PHE B 70 13.51 -24.84 4.57
C PHE B 70 14.25 -23.51 4.47
N ARG B 71 14.64 -23.13 3.25
CA ARG B 71 15.25 -21.82 2.99
C ARG B 71 14.52 -21.14 1.85
N GLY B 72 14.24 -19.86 1.98
CA GLY B 72 13.56 -19.17 0.92
C GLY B 72 13.36 -17.73 1.23
N HIS B 73 13.45 -16.91 0.20
CA HIS B 73 13.30 -15.48 0.35
C HIS B 73 12.22 -14.94 -0.55
N GLN B 74 11.67 -13.81 -0.15
CA GLN B 74 10.66 -13.13 -0.90
C GLN B 74 10.97 -11.64 -0.86
N PHE B 75 10.13 -10.84 -1.49
CA PHE B 75 10.20 -9.39 -1.37
C PHE B 75 8.82 -8.90 -0.97
N THR B 76 8.76 -8.01 0.02
CA THR B 76 7.47 -7.47 0.46
C THR B 76 6.71 -6.89 -0.71
N GLY B 77 5.38 -6.99 -0.63
CA GLY B 77 4.49 -6.48 -1.66
C GLY B 77 4.32 -4.96 -1.65
N ALA B 78 3.44 -4.49 -2.53
CA ALA B 78 3.20 -3.07 -2.63
C ALA B 78 2.61 -2.49 -1.33
N ASP B 79 1.86 -3.30 -0.58
CA ASP B 79 1.32 -2.88 0.72
C ASP B 79 2.19 -3.24 1.94
N GLY B 80 3.41 -3.73 1.69
CA GLY B 80 4.31 -4.04 2.77
C GLY B 80 4.21 -5.48 3.25
N SER B 81 3.30 -6.26 2.65
CA SER B 81 3.02 -7.62 3.15
C SER B 81 4.07 -8.65 2.79
N PHE B 82 4.19 -9.67 3.65
CA PHE B 82 4.98 -10.86 3.36
C PHE B 82 4.15 -12.12 3.68
N THR B 83 4.53 -13.25 3.09
CA THR B 83 3.83 -14.52 3.34
C THR B 83 4.79 -15.70 3.26
N LEU B 84 4.76 -16.55 4.29
CA LEU B 84 5.63 -17.72 4.32
C LEU B 84 4.88 -19.00 4.71
N ARG B 85 4.88 -19.98 3.82
CA ARG B 85 4.31 -21.27 4.13
C ARG B 85 5.39 -22.31 4.45
N THR B 86 5.30 -22.84 5.65
CA THR B 86 6.27 -23.81 6.15
C THR B 86 5.60 -24.75 7.15
N ILE B 87 6.42 -25.49 7.87
CA ILE B 87 5.97 -26.32 8.98
C ILE B 87 6.63 -25.77 10.23
N VAL B 88 6.08 -26.07 11.40
CA VAL B 88 6.69 -25.69 12.66
C VAL B 88 8.02 -26.43 12.81
N PRO B 89 9.11 -25.69 13.08
CA PRO B 89 10.43 -26.33 13.22
C PRO B 89 10.57 -27.05 14.56
N GLY B 90 11.35 -28.13 14.59
CA GLY B 90 11.54 -28.86 15.82
C GLY B 90 12.65 -28.24 16.65
N LEU B 91 12.74 -28.67 17.90
CA LEU B 91 13.69 -28.10 18.85
C LEU B 91 15.11 -28.59 18.63
N TYR B 92 15.94 -27.65 18.19
CA TYR B 92 17.39 -27.78 18.11
C TYR B 92 18.04 -27.72 19.53
N PRO B 93 19.09 -28.53 19.78
CA PRO B 93 19.75 -28.57 21.09
C PRO B 93 20.23 -27.19 21.59
N GLY B 94 19.73 -26.77 22.74
CA GLY B 94 20.14 -25.52 23.36
C GLY B 94 19.28 -24.31 22.99
N ARG B 95 18.36 -24.49 22.07
CA ARG B 95 17.59 -23.35 21.62
C ARG B 95 16.11 -23.58 21.89
N THR B 96 15.38 -22.49 22.12
CA THR B 96 13.96 -22.59 22.08
C THR B 96 13.59 -22.59 20.60
N ARG B 97 12.36 -22.95 20.30
CA ARG B 97 11.90 -22.98 18.92
C ARG B 97 11.97 -21.57 18.29
N HIS B 98 12.49 -21.48 17.06
CA HIS B 98 12.72 -20.18 16.41
C HIS B 98 12.77 -20.35 14.89
N ILE B 99 12.54 -19.25 14.16
CA ILE B 99 12.77 -19.17 12.72
C ILE B 99 13.79 -18.07 12.45
N HIS B 100 14.79 -18.33 11.61
CA HIS B 100 15.76 -17.26 11.30
C HIS B 100 15.31 -16.40 10.15
N VAL B 101 15.69 -15.14 10.18
CA VAL B 101 15.34 -14.23 9.09
C VAL B 101 16.30 -13.04 8.98
N LYS B 102 16.58 -12.67 7.74
CA LYS B 102 17.34 -11.48 7.43
C LYS B 102 16.39 -10.58 6.66
N ALA B 103 16.34 -9.32 7.05
CA ALA B 103 15.50 -8.34 6.41
C ALA B 103 16.38 -7.24 5.89
N GLN B 104 16.11 -6.78 4.69
CA GLN B 104 16.93 -5.74 4.09
C GLN B 104 16.11 -4.83 3.22
N ALA B 105 15.99 -3.57 3.62
CA ALA B 105 15.29 -2.59 2.83
C ALA B 105 16.18 -2.27 1.66
N PRO B 106 15.58 -1.85 0.53
CA PRO B 106 16.37 -1.49 -0.66
C PRO B 106 17.50 -0.50 -0.35
N GLY B 107 18.75 -0.94 -0.54
CA GLY B 107 19.89 -0.06 -0.38
C GLY B 107 20.29 0.26 1.06
N ARG B 108 19.75 -0.50 2.02
CA ARG B 108 20.09 -0.35 3.44
C ARG B 108 20.76 -1.65 3.94
N PRO B 109 21.41 -1.60 5.11
CA PRO B 109 22.06 -2.86 5.54
C PRO B 109 21.06 -3.91 6.03
N VAL B 110 21.52 -5.16 6.16
CA VAL B 110 20.68 -6.29 6.60
C VAL B 110 20.42 -6.31 8.11
N LEU B 111 19.16 -6.55 8.47
CA LEU B 111 18.81 -6.83 9.85
C LEU B 111 18.68 -8.33 10.01
N THR B 112 19.52 -8.94 10.85
CA THR B 112 19.42 -10.37 11.14
C THR B 112 18.77 -10.61 12.48
N THR B 113 17.74 -11.46 12.52
CA THR B 113 17.03 -11.68 13.76
C THR B 113 16.39 -13.07 13.74
N GLN B 114 15.56 -13.34 14.75
CA GLN B 114 14.92 -14.62 14.95
C GLN B 114 13.50 -14.41 15.47
N LEU B 115 12.56 -15.27 15.06
CA LEU B 115 11.18 -15.17 15.52
C LEU B 115 10.79 -16.33 16.41
N TYR B 116 10.14 -16.00 17.53
CA TYR B 116 9.83 -16.99 18.56
C TYR B 116 8.35 -17.37 18.59
N PHE B 117 8.06 -18.48 19.26
CA PHE B 117 6.72 -19.00 19.35
C PHE B 117 6.25 -18.84 20.79
N PRO B 118 4.95 -18.54 20.98
CA PRO B 118 4.40 -18.34 22.32
C PRO B 118 4.37 -19.66 23.07
N GLY B 119 4.66 -19.64 24.36
CA GLY B 119 4.47 -20.82 25.17
C GLY B 119 5.46 -21.94 24.95
N GLU B 120 6.58 -21.66 24.32
CA GLU B 120 7.68 -22.63 24.33
C GLU B 120 8.34 -22.68 25.70
N PRO B 121 8.35 -23.87 26.33
CA PRO B 121 9.02 -24.04 27.62
C PRO B 121 10.46 -23.53 27.60
N ARG B 122 11.18 -23.78 26.51
CA ARG B 122 12.57 -23.31 26.41
C ARG B 122 12.71 -21.78 26.28
N ASN B 123 11.61 -21.04 26.34
CA ASN B 123 11.71 -19.58 26.36
C ASN B 123 12.29 -19.09 27.70
N THR B 124 12.10 -19.89 28.74
CA THR B 124 12.64 -19.57 30.05
C THR B 124 14.14 -19.69 30.17
N THR B 125 14.76 -20.56 29.37
CA THR B 125 16.17 -20.90 29.55
C THR B 125 17.05 -20.36 28.44
N ASP B 126 16.44 -20.10 27.30
CA ASP B 126 17.16 -19.61 26.14
C ASP B 126 17.44 -18.13 26.32
N ALA B 127 18.70 -17.74 26.25
CA ALA B 127 19.05 -16.34 26.54
C ALA B 127 18.66 -15.44 25.37
N LEU B 128 18.55 -16.02 24.17
CA LEU B 128 18.18 -15.24 22.99
C LEU B 128 16.69 -14.90 22.92
N PHE B 129 15.88 -15.58 23.72
CA PHE B 129 14.45 -15.32 23.72
C PHE B 129 14.12 -13.90 24.07
N ASP B 130 13.27 -13.30 23.23
CA ASP B 130 12.92 -11.91 23.35
C ASP B 130 11.44 -11.73 23.02
N PRO B 131 10.66 -11.13 23.93
CA PRO B 131 9.23 -10.81 23.74
C PRO B 131 8.93 -9.99 22.48
N ALA B 132 9.82 -9.08 22.12
CA ALA B 132 9.67 -8.32 20.89
C ALA B 132 9.74 -9.20 19.63
N LEU B 133 10.28 -10.40 19.77
CA LEU B 133 10.54 -11.20 18.57
C LEU B 133 9.57 -12.36 18.49
N LEU B 134 8.55 -12.31 19.35
CA LEU B 134 7.48 -13.30 19.42
C LEU B 134 6.44 -13.15 18.34
N MET B 135 6.22 -14.23 17.58
CA MET B 135 5.10 -14.27 16.65
C MET B 135 3.81 -14.46 17.41
N ASN B 136 2.73 -13.99 16.83
CA ASN B 136 1.40 -14.28 17.33
C ASN B 136 0.95 -15.59 16.69
N VAL B 137 0.68 -16.62 17.50
CA VAL B 137 0.34 -17.90 16.89
C VAL B 137 -0.97 -18.52 17.41
N ARG B 138 -1.86 -18.84 16.48
CA ARG B 138 -3.11 -19.50 16.81
C ARG B 138 -3.25 -20.78 16.02
N SER B 139 -4.14 -21.64 16.50
CA SER B 139 -4.37 -22.92 15.86
C SER B 139 -5.61 -22.91 14.96
N ALA B 140 -5.40 -22.47 13.72
CA ALA B 140 -6.37 -22.59 12.63
C ALA B 140 -6.19 -23.87 11.82
N GLY B 141 -7.23 -24.70 11.73
CA GLY B 141 -7.25 -25.76 10.73
C GLY B 141 -6.22 -26.88 10.87
N PRO B 142 -5.49 -27.15 9.76
CA PRO B 142 -4.57 -28.29 9.82
C PRO B 142 -3.40 -28.06 10.80
N GLY B 143 -2.94 -26.81 10.83
CA GLY B 143 -1.77 -26.43 11.61
C GLY B 143 -1.98 -25.16 12.41
N ARG B 144 -0.96 -24.31 12.32
CA ARG B 144 -0.89 -23.07 13.09
C ARG B 144 -0.69 -21.86 12.17
N GLU B 145 -1.32 -20.75 12.55
CA GLU B 145 -1.21 -19.48 11.81
C GLU B 145 -0.47 -18.43 12.63
N GLY B 146 0.63 -17.92 12.09
CA GLY B 146 1.45 -16.96 12.80
C GLY B 146 1.40 -15.60 12.15
N THR B 147 1.51 -14.55 12.97
CA THR B 147 1.63 -13.20 12.43
C THR B 147 2.72 -12.42 13.15
N PHE B 148 3.45 -11.60 12.40
CA PHE B 148 4.52 -10.76 12.95
C PHE B 148 4.71 -9.58 12.03
N ASP B 149 4.86 -8.39 12.58
CA ASP B 149 5.20 -7.20 11.77
C ASP B 149 6.67 -6.78 12.02
N PHE B 150 7.45 -6.63 10.96
CA PHE B 150 8.77 -6.03 11.09
C PHE B 150 8.70 -4.51 11.06
N VAL B 151 9.61 -3.89 11.79
CA VAL B 151 9.84 -2.44 11.78
C VAL B 151 11.31 -2.15 11.55
N LEU B 152 11.58 -1.41 10.47
CA LEU B 152 12.93 -1.05 10.10
C LEU B 152 13.13 0.44 10.33
N ASP B 153 14.21 0.80 11.01
CA ASP B 153 14.52 2.21 11.23
C ASP B 153 15.03 2.71 9.88
N VAL B 154 14.07 3.05 9.03
CA VAL B 154 14.28 3.35 7.62
C VAL B 154 13.17 4.29 7.17
N ALA B 155 13.50 5.27 6.35
CA ALA B 155 12.48 6.23 5.91
C ALA B 155 11.77 5.80 4.62
N SER C 1 6.70 5.08 16.84
CA SER C 1 5.98 4.38 17.92
C SER C 1 5.71 5.23 19.18
N ASP C 2 5.08 6.42 19.03
CA ASP C 2 4.68 7.25 20.19
C ASP C 2 3.38 8.04 19.93
N PRO C 3 2.40 8.01 20.88
CA PRO C 3 1.03 8.57 20.72
C PRO C 3 1.00 10.09 20.66
N THR C 4 0.10 10.66 19.85
CA THR C 4 -0.07 12.11 19.75
C THR C 4 -0.36 12.80 21.09
N PRO C 5 0.52 13.74 21.49
CA PRO C 5 0.35 14.44 22.76
C PRO C 5 -0.97 15.20 22.80
N ASP C 6 -1.55 15.32 23.98
CA ASP C 6 -2.73 16.15 24.14
C ASP C 6 -2.31 17.58 24.49
N GLN C 7 -3.13 18.56 24.11
CA GLN C 7 -2.95 19.95 24.54
C GLN C 7 -4.27 20.62 24.96
N MET C 8 -4.17 21.88 25.38
CA MET C 8 -5.31 22.71 25.72
C MET C 8 -6.36 22.73 24.61
N GLU C 9 -7.63 22.83 24.99
CA GLU C 9 -8.69 23.12 24.02
C GLU C 9 -8.54 24.55 23.53
N GLY C 10 -8.08 25.43 24.43
CA GLY C 10 -8.07 26.84 24.13
C GLY C 10 -9.45 27.43 24.33
N PRO C 11 -9.56 28.76 24.17
CA PRO C 11 -10.77 29.51 24.49
C PRO C 11 -11.89 29.32 23.49
N TYR C 12 -11.56 28.90 22.28
CA TYR C 12 -12.45 29.11 21.15
C TYR C 12 -13.12 27.89 20.55
N PHE C 13 -13.28 26.80 21.31
CA PHE C 13 -13.96 25.62 20.79
C PHE C 13 -15.49 25.75 20.72
N LYS C 14 -16.12 25.16 19.71
CA LYS C 14 -17.58 25.10 19.64
C LYS C 14 -18.13 23.72 19.31
N PRO C 15 -19.02 23.21 20.15
CA PRO C 15 -19.67 21.92 19.88
C PRO C 15 -20.61 22.01 18.69
N ASP C 16 -20.96 20.87 18.11
CA ASP C 16 -21.99 20.72 17.07
C ASP C 16 -21.56 21.25 15.70
N SER C 17 -20.27 21.14 15.40
CA SER C 17 -19.74 21.54 14.09
C SER C 17 -20.33 20.66 12.97
N PRO C 18 -20.55 21.27 11.81
CA PRO C 18 -21.10 20.57 10.65
C PRO C 18 -20.08 19.56 10.13
N PRO C 19 -20.55 18.47 9.47
CA PRO C 19 -19.65 17.53 8.82
C PRO C 19 -19.12 18.13 7.54
N ARG C 20 -17.84 18.47 7.49
CA ARG C 20 -17.25 18.90 6.22
C ARG C 20 -15.77 18.61 6.23
N THR C 21 -15.27 18.14 5.09
CA THR C 21 -13.85 17.93 4.90
C THR C 21 -13.20 19.14 4.25
N SER C 22 -14.01 20.11 3.84
CA SER C 22 -13.47 21.37 3.38
C SER C 22 -14.09 22.46 4.21
N LEU C 23 -13.25 23.33 4.75
CA LEU C 23 -13.64 24.37 5.72
C LEU C 23 -13.71 25.71 5.01
N VAL C 24 -13.34 25.69 3.74
CA VAL C 24 -13.36 26.91 2.98
C VAL C 24 -14.21 26.69 1.74
N THR C 25 -14.47 27.76 1.00
CA THR C 25 -15.16 27.65 -0.28
C THR C 25 -14.26 28.15 -1.41
N SER C 26 -14.84 28.33 -2.58
CA SER C 26 -14.03 28.66 -3.75
C SER C 26 -13.67 30.14 -3.74
N SER C 27 -14.18 30.84 -2.72
CA SER C 27 -13.97 32.28 -2.58
C SER C 27 -13.44 32.71 -1.23
N THR C 28 -13.14 31.75 -0.35
CA THR C 28 -12.57 32.10 0.96
C THR C 28 -11.20 32.78 0.86
N PRO C 29 -11.02 33.90 1.58
CA PRO C 29 -9.72 34.57 1.61
C PRO C 29 -8.65 33.78 2.40
N GLY C 30 -7.43 33.76 1.88
CA GLY C 30 -6.31 33.17 2.58
C GLY C 30 -5.42 32.31 1.68
N VAL C 31 -4.24 31.95 2.18
CA VAL C 31 -3.35 31.04 1.48
C VAL C 31 -3.88 29.62 1.54
N PRO C 32 -4.15 29.03 0.39
CA PRO C 32 -4.72 27.68 0.35
C PRO C 32 -3.90 26.61 1.12
N LEU C 33 -4.57 25.78 1.93
CA LEU C 33 -3.90 24.72 2.68
C LEU C 33 -4.75 23.44 2.79
N THR C 34 -4.18 22.32 2.36
CA THR C 34 -4.76 21.01 2.60
C THR C 34 -3.93 20.27 3.64
N VAL C 35 -4.57 19.78 4.71
CA VAL C 35 -3.90 18.92 5.68
C VAL C 35 -4.46 17.50 5.56
N SER C 36 -3.59 16.53 5.30
CA SER C 36 -4.00 15.13 5.17
C SER C 36 -2.99 14.22 5.86
N GLY C 37 -3.37 12.98 6.16
CA GLY C 37 -2.45 12.01 6.76
C GLY C 37 -3.21 10.81 7.26
N TYR C 38 -2.64 10.06 8.19
CA TYR C 38 -3.41 8.93 8.71
C TYR C 38 -3.62 9.03 10.21
N VAL C 39 -4.54 8.22 10.71
CA VAL C 39 -4.65 7.97 12.13
C VAL C 39 -4.33 6.52 12.36
N PHE C 40 -3.29 6.27 13.14
CA PHE C 40 -2.89 4.91 13.46
C PHE C 40 -3.21 4.62 14.92
N GLY C 41 -3.42 3.35 15.22
CA GLY C 41 -3.63 2.90 16.58
C GLY C 41 -2.40 2.17 17.06
N ARG C 42 -2.61 1.20 17.95
CA ARG C 42 -1.55 0.31 18.40
C ARG C 42 -1.06 -0.49 17.22
N ALA C 43 0.25 -0.67 17.13
CA ALA C 43 0.85 -1.55 16.11
C ALA C 43 0.60 -1.13 14.65
N CYS C 44 0.67 0.16 14.38
CA CYS C 44 0.58 0.68 13.00
C CYS C 44 -0.68 0.33 12.21
N LYS C 45 -1.74 0.00 12.94
CA LYS C 45 -3.04 -0.24 12.32
C LYS C 45 -3.66 1.08 11.99
N PRO C 46 -3.83 1.36 10.68
CA PRO C 46 -4.58 2.55 10.27
C PRO C 46 -6.04 2.42 10.69
N LEU C 47 -6.57 3.44 11.34
CA LEU C 47 -7.86 3.35 12.02
C LEU C 47 -9.01 3.95 11.22
N THR C 48 -10.14 3.27 11.19
CA THR C 48 -11.29 3.71 10.39
C THR C 48 -12.37 4.34 11.28
N GLY C 49 -13.14 5.27 10.71
CA GLY C 49 -14.25 5.87 11.44
C GLY C 49 -13.82 6.68 12.67
N VAL C 50 -12.58 7.18 12.65
CA VAL C 50 -12.12 8.03 13.73
C VAL C 50 -12.63 9.47 13.52
N LEU C 51 -13.26 10.02 14.57
CA LEU C 51 -13.75 11.39 14.47
C LEU C 51 -12.60 12.38 14.58
N LEU C 52 -12.54 13.31 13.63
CA LEU C 52 -11.56 14.37 13.61
C LEU C 52 -12.31 15.68 13.45
N ASP C 53 -12.31 16.46 14.52
CA ASP C 53 -13.09 17.69 14.58
C ASP C 53 -12.06 18.80 14.61
N PHE C 54 -12.03 19.61 13.56
CA PHE C 54 -11.00 20.62 13.39
C PHE C 54 -11.62 21.98 13.59
N TRP C 55 -10.79 22.93 13.99
CA TRP C 55 -11.22 24.33 14.11
C TRP C 55 -10.03 25.28 14.23
N GLN C 56 -10.15 26.45 13.62
CA GLN C 56 -9.04 27.38 13.53
C GLN C 56 -9.50 28.81 13.30
N ALA C 57 -8.57 29.75 13.44
CA ALA C 57 -8.82 31.18 13.22
C ALA C 57 -8.85 31.43 11.72
N ASP C 58 -9.47 32.53 11.30
CA ASP C 58 -9.46 32.84 9.86
C ASP C 58 -8.10 33.39 9.45
N THR C 59 -7.99 33.82 8.19
CA THR C 59 -6.72 34.28 7.65
C THR C 59 -6.20 35.51 8.42
N GLY C 60 -7.08 36.18 9.13
CA GLY C 60 -6.71 37.37 9.88
C GLY C 60 -6.35 37.11 11.33
N GLY C 61 -6.58 35.88 11.77
CA GLY C 61 -6.12 35.46 13.09
C GLY C 61 -7.29 35.43 14.03
N ALA C 62 -8.48 35.38 13.45
CA ALA C 62 -9.73 35.57 14.21
C ALA C 62 -10.61 34.32 14.24
N TYR C 63 -11.02 33.90 15.43
CA TYR C 63 -11.92 32.75 15.57
C TYR C 63 -13.39 33.18 15.54
N ASP C 64 -14.21 32.38 14.88
CA ASP C 64 -15.63 32.68 14.67
C ASP C 64 -16.52 32.07 15.74
N MET C 65 -16.91 32.87 16.73
CA MET C 65 -17.75 32.36 17.82
C MET C 65 -19.24 32.40 17.54
N THR C 66 -19.64 33.14 16.50
CA THR C 66 -21.07 33.29 16.22
C THR C 66 -21.63 32.25 15.27
N GLY C 67 -20.84 31.87 14.28
CA GLY C 67 -21.24 30.86 13.33
C GLY C 67 -20.32 29.66 13.40
N PHE C 68 -20.14 28.99 12.28
CA PHE C 68 -19.29 27.82 12.21
C PHE C 68 -18.22 27.87 11.13
N ALA C 69 -17.90 29.08 10.68
CA ALA C 69 -16.75 29.28 9.81
C ALA C 69 -15.46 28.68 10.41
N PHE C 70 -14.71 27.97 9.57
CA PHE C 70 -13.46 27.35 9.97
C PHE C 70 -13.59 26.33 11.09
N ARG C 71 -14.80 25.77 11.18
CA ARG C 71 -15.10 24.67 12.07
C ARG C 71 -15.73 23.56 11.23
N GLY C 72 -15.27 22.32 11.42
CA GLY C 72 -15.80 21.20 10.65
C GLY C 72 -15.17 19.86 11.01
N HIS C 73 -15.94 18.77 10.89
CA HIS C 73 -15.40 17.46 11.20
C HIS C 73 -15.57 16.43 10.07
N GLN C 74 -14.72 15.40 10.13
CA GLN C 74 -14.76 14.31 9.18
C GLN C 74 -14.52 12.99 9.89
N PHE C 75 -14.62 11.88 9.14
CA PHE C 75 -14.24 10.58 9.68
C PHE C 75 -13.23 9.93 8.77
N THR C 76 -12.18 9.39 9.37
CA THR C 76 -11.12 8.73 8.61
C THR C 76 -11.69 7.61 7.73
N GLY C 77 -11.13 7.43 6.55
CA GLY C 77 -11.68 6.45 5.66
C GLY C 77 -11.44 5.04 6.13
N ALA C 78 -11.81 4.08 5.29
CA ALA C 78 -11.58 2.66 5.56
C ALA C 78 -10.06 2.37 5.61
N ASP C 79 -9.28 3.21 4.93
CA ASP C 79 -7.81 3.09 4.92
C ASP C 79 -7.07 3.99 5.96
N GLY C 80 -7.83 4.66 6.83
CA GLY C 80 -7.25 5.41 7.93
C GLY C 80 -6.91 6.85 7.60
N SER C 81 -7.13 7.24 6.35
CA SER C 81 -6.77 8.54 5.83
C SER C 81 -7.74 9.64 6.22
N PHE C 82 -7.24 10.86 6.26
CA PHE C 82 -8.05 12.05 6.39
C PHE C 82 -7.62 13.16 5.44
N THR C 83 -8.52 14.10 5.17
CA THR C 83 -8.19 15.23 4.34
C THR C 83 -8.98 16.42 4.82
N LEU C 84 -8.28 17.52 4.99
CA LEU C 84 -8.90 18.75 5.41
C LEU C 84 -8.43 19.83 4.45
N ARG C 85 -9.37 20.44 3.74
CA ARG C 85 -9.05 21.58 2.89
C ARG C 85 -9.42 22.87 3.64
N THR C 86 -8.46 23.77 3.76
CA THR C 86 -8.66 24.99 4.50
C THR C 86 -7.70 26.05 3.98
N ILE C 87 -7.55 27.13 4.72
CA ILE C 87 -6.52 28.12 4.46
C ILE C 87 -5.62 28.26 5.71
N VAL C 88 -4.44 28.85 5.53
CA VAL C 88 -3.52 29.10 6.65
C VAL C 88 -4.09 30.11 7.66
N PRO C 89 -4.14 29.76 8.96
CA PRO C 89 -4.66 30.70 9.96
C PRO C 89 -3.64 31.77 10.34
N GLY C 90 -4.14 32.94 10.70
CA GLY C 90 -3.26 34.04 11.04
C GLY C 90 -2.84 33.95 12.48
N LEU C 91 -1.91 34.80 12.86
CA LEU C 91 -1.39 34.71 14.21
C LEU C 91 -2.36 35.33 15.20
N TYR C 92 -3.03 34.50 15.96
CA TYR C 92 -3.80 34.96 17.11
C TYR C 92 -2.83 35.47 18.19
N PRO C 93 -3.18 36.60 18.83
CA PRO C 93 -2.33 37.22 19.86
C PRO C 93 -1.91 36.29 21.00
N GLY C 94 -0.59 36.13 21.14
CA GLY C 94 0.03 35.33 22.19
C GLY C 94 0.36 33.90 21.83
N ARG C 95 -0.10 33.46 20.65
CA ARG C 95 0.06 32.07 20.22
C ARG C 95 0.90 31.97 18.94
N THR C 96 1.60 30.86 18.74
CA THR C 96 2.21 30.60 17.44
C THR C 96 1.09 30.11 16.51
N ARG C 97 1.35 30.06 15.21
CA ARG C 97 0.36 29.58 14.25
C ARG C 97 -0.04 28.14 14.59
N HIS C 98 -1.33 27.84 14.61
CA HIS C 98 -1.78 26.52 15.00
C HIS C 98 -3.16 26.15 14.47
N ILE C 99 -3.41 24.84 14.38
CA ILE C 99 -4.76 24.33 14.12
C ILE C 99 -5.18 23.44 15.30
N HIS C 100 -6.38 23.64 15.81
CA HIS C 100 -6.89 22.80 16.89
C HIS C 100 -7.59 21.58 16.33
N VAL C 101 -7.56 20.52 17.12
CA VAL C 101 -8.23 19.30 16.70
C VAL C 101 -8.62 18.44 17.90
N LYS C 102 -9.77 17.79 17.75
CA LYS C 102 -10.20 16.78 18.67
C LYS C 102 -10.28 15.48 17.87
N ALA C 103 -9.67 14.44 18.43
CA ALA C 103 -9.70 13.14 17.79
C ALA C 103 -10.37 12.17 18.74
N GLN C 104 -11.24 11.34 18.18
CA GLN C 104 -11.96 10.38 19.00
C GLN C 104 -12.14 9.09 18.24
N ALA C 105 -11.51 8.03 18.73
CA ALA C 105 -11.69 6.70 18.14
C ALA C 105 -13.06 6.28 18.58
N PRO C 106 -13.72 5.44 17.78
CA PRO C 106 -15.07 4.96 18.09
C PRO C 106 -15.21 4.40 19.52
N GLY C 107 -16.04 5.06 20.33
CA GLY C 107 -16.34 4.57 21.67
C GLY C 107 -15.25 4.73 22.71
N ARG C 108 -14.23 5.51 22.37
CA ARG C 108 -13.10 5.82 23.25
C ARG C 108 -13.11 7.31 23.54
N PRO C 109 -12.38 7.76 24.57
CA PRO C 109 -12.45 9.20 24.88
C PRO C 109 -11.74 10.14 23.86
N VAL C 110 -12.04 11.44 23.96
CA VAL C 110 -11.50 12.47 23.04
C VAL C 110 -10.02 12.85 23.31
N LEU C 111 -9.24 12.95 22.24
CA LEU C 111 -7.94 13.60 22.31
C LEU C 111 -8.10 15.01 21.76
N THR C 112 -7.85 16.00 22.60
CA THR C 112 -7.90 17.38 22.17
C THR C 112 -6.43 17.79 22.08
N THR C 113 -6.02 18.33 20.94
CA THR C 113 -4.61 18.66 20.73
C THR C 113 -4.48 19.78 19.68
N GLN C 114 -3.25 20.08 19.26
CA GLN C 114 -3.03 21.17 18.32
C GLN C 114 -1.89 20.83 17.34
N LEU C 115 -2.01 21.29 16.09
CA LEU C 115 -0.94 21.08 15.12
C LEU C 115 -0.22 22.39 14.75
N TYR C 116 1.11 22.33 14.74
CA TYR C 116 1.94 23.52 14.55
C TYR C 116 2.62 23.49 13.16
N PHE C 117 3.09 24.66 12.72
CA PHE C 117 3.70 24.82 11.40
C PHE C 117 5.20 25.05 11.55
N PRO C 118 5.99 24.54 10.59
CA PRO C 118 7.46 24.66 10.61
C PRO C 118 7.91 26.10 10.40
N GLY C 119 8.96 26.51 11.09
CA GLY C 119 9.59 27.79 10.82
C GLY C 119 8.80 29.04 11.19
N GLU C 120 7.73 28.87 11.95
CA GLU C 120 7.08 30.02 12.57
C GLU C 120 7.98 30.55 13.66
N PRO C 121 8.38 31.83 13.56
CA PRO C 121 9.22 32.49 14.58
C PRO C 121 8.68 32.34 16.01
N ARG C 122 7.36 32.39 16.20
CA ARG C 122 6.77 32.22 17.54
C ARG C 122 6.90 30.82 18.13
N ASN C 123 7.54 29.90 17.41
CA ASN C 123 7.81 28.58 17.96
C ASN C 123 8.86 28.68 19.09
N THR C 124 9.71 29.69 19.03
CA THR C 124 10.68 29.89 20.10
C THR C 124 9.99 30.40 21.37
N THR C 125 8.84 31.05 21.23
CA THR C 125 8.26 31.75 22.38
C THR C 125 6.96 31.14 22.91
N ASP C 126 6.26 30.39 22.07
CA ASP C 126 5.01 29.78 22.49
C ASP C 126 5.31 28.52 23.29
N ALA C 127 4.76 28.44 24.49
CA ALA C 127 5.10 27.38 25.41
C ALA C 127 4.41 26.10 25.01
N LEU C 128 3.27 26.25 24.32
CA LEU C 128 2.50 25.11 23.85
C LEU C 128 3.16 24.43 22.64
N PHE C 129 4.10 25.10 22.00
CA PHE C 129 4.76 24.50 20.86
C PHE C 129 5.45 23.20 21.24
N ASP C 130 5.20 22.17 20.44
CA ASP C 130 5.68 20.82 20.69
C ASP C 130 6.06 20.24 19.33
N PRO C 131 7.31 19.80 19.19
CA PRO C 131 7.75 19.20 17.92
C PRO C 131 6.88 18.02 17.48
N ALA C 132 6.39 17.24 18.45
CA ALA C 132 5.53 16.10 18.13
C ALA C 132 4.26 16.55 17.43
N LEU C 133 3.95 17.84 17.45
CA LEU C 133 2.70 18.34 16.90
C LEU C 133 2.92 19.16 15.63
N LEU C 134 4.18 19.19 15.16
CA LEU C 134 4.55 19.90 13.94
C LEU C 134 4.16 19.14 12.71
N MET C 135 3.39 19.79 11.83
CA MET C 135 3.05 19.23 10.53
C MET C 135 4.20 19.30 9.57
N ASN C 136 4.18 18.40 8.60
CA ASN C 136 5.11 18.53 7.49
C ASN C 136 4.45 19.40 6.43
N VAL C 137 5.07 20.53 6.10
CA VAL C 137 4.46 21.47 5.14
C VAL C 137 5.41 21.78 4.00
N ARG C 138 4.93 21.53 2.78
CA ARG C 138 5.66 21.83 1.56
C ARG C 138 4.80 22.77 0.74
N SER C 139 5.43 23.50 -0.17
CA SER C 139 4.69 24.50 -0.94
C SER C 139 4.27 24.03 -2.33
N ALA C 140 3.11 23.38 -2.41
CA ALA C 140 2.53 23.03 -3.71
C ALA C 140 1.70 24.19 -4.30
N GLY C 141 2.22 24.75 -5.39
CA GLY C 141 1.54 25.75 -6.20
C GLY C 141 1.25 27.08 -5.52
N PRO C 142 -0.01 27.52 -5.65
CA PRO C 142 -0.46 28.79 -5.07
C PRO C 142 -0.44 28.72 -3.54
N GLY C 143 -0.63 27.52 -3.00
CA GLY C 143 -0.69 27.39 -1.56
C GLY C 143 0.17 26.32 -0.93
N ARG C 144 -0.32 25.72 0.15
CA ARG C 144 0.52 24.83 0.94
C ARG C 144 -0.13 23.47 1.24
N GLU C 145 0.68 22.43 1.20
CA GLU C 145 0.21 21.09 1.52
C GLU C 145 0.86 20.59 2.82
N GLY C 146 0.02 20.24 3.79
CA GLY C 146 0.51 19.77 5.07
C GLY C 146 0.21 18.30 5.33
N THR C 147 1.12 17.62 6.03
CA THR C 147 0.88 16.24 6.46
C THR C 147 1.21 16.01 7.94
N PHE C 148 0.37 15.19 8.57
CA PHE C 148 0.52 14.78 9.97
C PHE C 148 -0.21 13.47 10.19
N ASP C 149 0.43 12.55 10.91
CA ASP C 149 -0.23 11.29 11.26
C ASP C 149 -0.56 11.35 12.75
N PHE C 150 -1.83 11.10 13.10
CA PHE C 150 -2.17 10.93 14.51
C PHE C 150 -1.84 9.50 14.92
N VAL C 151 -1.41 9.33 16.17
CA VAL C 151 -1.21 8.00 16.76
C VAL C 151 -2.03 7.91 18.05
N LEU C 152 -3.01 7.01 18.07
CA LEU C 152 -3.90 6.85 19.22
C LEU C 152 -3.66 5.53 19.97
N ASP C 153 -3.53 5.58 21.28
CA ASP C 153 -3.37 4.34 22.02
C ASP C 153 -4.71 3.62 22.02
N VAL C 154 -4.95 2.90 20.93
CA VAL C 154 -6.23 2.25 20.72
C VAL C 154 -6.01 1.06 19.78
N ALA C 155 -6.66 -0.07 20.08
CA ALA C 155 -6.53 -1.27 19.24
C ALA C 155 -7.65 -1.38 18.21
N SER D 1 21.00 23.30 -33.14
CA SER D 1 20.46 24.66 -33.17
C SER D 1 19.02 24.72 -33.70
N ASP D 2 18.12 23.90 -33.15
CA ASP D 2 16.67 23.93 -33.48
C ASP D 2 15.75 23.52 -32.31
N PRO D 3 14.65 24.27 -32.06
CA PRO D 3 13.83 24.00 -30.86
C PRO D 3 13.08 22.68 -30.89
N THR D 4 13.01 22.02 -29.74
CA THR D 4 12.23 20.78 -29.59
C THR D 4 10.80 21.04 -30.00
N PRO D 5 10.35 20.33 -31.07
CA PRO D 5 9.01 20.40 -31.67
C PRO D 5 7.93 19.98 -30.66
N ASP D 6 6.77 20.60 -30.72
CA ASP D 6 5.67 20.22 -29.84
C ASP D 6 4.76 19.16 -30.49
N GLN D 7 4.13 18.32 -29.67
CA GLN D 7 3.15 17.37 -30.19
C GLN D 7 1.88 17.34 -29.32
N MET D 8 0.92 16.53 -29.76
CA MET D 8 -0.33 16.29 -29.04
C MET D 8 -0.06 15.84 -27.61
N GLU D 9 -0.95 16.23 -26.70
CA GLU D 9 -0.94 15.67 -25.36
C GLU D 9 -1.28 14.18 -25.34
N GLY D 10 -2.20 13.76 -26.21
CA GLY D 10 -2.78 12.43 -26.15
C GLY D 10 -3.86 12.40 -25.08
N PRO D 11 -4.54 11.24 -24.93
CA PRO D 11 -5.67 11.11 -23.99
C PRO D 11 -5.31 11.04 -22.51
N TYR D 12 -4.08 10.68 -22.19
CA TYR D 12 -3.84 10.10 -20.87
C TYR D 12 -3.03 10.93 -19.87
N PHE D 13 -2.98 12.25 -20.02
CA PHE D 13 -2.26 13.06 -19.05
C PHE D 13 -3.04 13.19 -17.75
N LYS D 14 -2.32 13.23 -16.63
CA LYS D 14 -2.92 13.50 -15.34
C LYS D 14 -2.11 14.57 -14.63
N PRO D 15 -2.79 15.60 -14.14
CA PRO D 15 -2.12 16.69 -13.43
C PRO D 15 -1.58 16.25 -12.09
N ASP D 16 -0.60 16.98 -11.57
CA ASP D 16 -0.13 16.78 -10.19
C ASP D 16 0.60 15.46 -10.02
N SER D 17 1.40 15.08 -11.01
CA SER D 17 2.21 13.88 -10.89
C SER D 17 3.17 14.01 -9.69
N PRO D 18 3.48 12.88 -9.03
CA PRO D 18 4.42 12.92 -7.91
C PRO D 18 5.83 13.29 -8.36
N PRO D 19 6.60 13.95 -7.48
CA PRO D 19 8.00 14.31 -7.78
C PRO D 19 8.92 13.09 -7.70
N ARG D 20 9.36 12.60 -8.86
CA ARG D 20 10.30 11.48 -8.88
C ARG D 20 11.18 11.42 -10.14
N THR D 21 12.44 11.07 -9.96
CA THR D 21 13.31 10.80 -11.09
C THR D 21 13.31 9.30 -11.36
N SER D 22 12.65 8.53 -10.51
CA SER D 22 12.51 7.10 -10.76
C SER D 22 11.04 6.73 -10.79
N LEU D 23 10.64 5.98 -11.82
CA LEU D 23 9.23 5.64 -12.01
C LEU D 23 8.99 4.16 -11.71
N VAL D 24 10.08 3.41 -11.55
CA VAL D 24 10.03 1.97 -11.32
C VAL D 24 10.92 1.49 -10.16
N THR D 25 10.83 0.20 -9.87
CA THR D 25 11.80 -0.46 -9.01
C THR D 25 12.50 -1.52 -9.84
N SER D 26 13.35 -2.32 -9.21
CA SER D 26 14.12 -3.30 -9.95
C SER D 26 13.30 -4.57 -10.17
N SER D 27 12.04 -4.56 -9.69
CA SER D 27 11.16 -5.72 -9.81
C SER D 27 9.92 -5.37 -10.65
N THR D 28 9.85 -4.13 -11.12
CA THR D 28 8.84 -3.73 -12.09
C THR D 28 9.16 -4.49 -13.37
N PRO D 29 8.14 -5.10 -13.99
CA PRO D 29 8.33 -5.86 -15.24
C PRO D 29 8.61 -4.97 -16.43
N GLY D 30 9.50 -5.41 -17.30
CA GLY D 30 9.77 -4.68 -18.54
C GLY D 30 11.26 -4.56 -18.75
N VAL D 31 11.67 -4.14 -19.95
CA VAL D 31 13.09 -3.88 -20.19
C VAL D 31 13.49 -2.58 -19.51
N PRO D 32 14.43 -2.65 -18.55
CA PRO D 32 14.89 -1.49 -17.77
C PRO D 32 15.30 -0.35 -18.69
N LEU D 33 14.95 0.88 -18.36
CA LEU D 33 15.35 1.99 -19.20
C LEU D 33 15.71 3.25 -18.40
N THR D 34 16.93 3.74 -18.58
CA THR D 34 17.31 5.04 -18.03
C THR D 34 17.43 6.06 -19.15
N VAL D 35 16.68 7.15 -19.05
CA VAL D 35 16.78 8.22 -20.04
C VAL D 35 17.41 9.42 -19.36
N SER D 36 18.46 9.96 -19.96
CA SER D 36 19.11 11.13 -19.38
C SER D 36 19.56 12.17 -20.44
N GLY D 37 19.75 13.41 -20.00
CA GLY D 37 20.21 14.47 -20.88
C GLY D 37 20.14 15.82 -20.21
N TYR D 38 20.11 16.87 -21.03
CA TYR D 38 20.00 18.23 -20.52
C TYR D 38 18.82 18.95 -21.15
N VAL D 39 18.47 20.09 -20.58
CA VAL D 39 17.56 21.05 -21.22
C VAL D 39 18.32 22.35 -21.47
N PHE D 40 18.40 22.76 -22.72
CA PHE D 40 19.13 23.97 -23.06
C PHE D 40 18.15 25.07 -23.47
N GLY D 41 18.60 26.32 -23.40
CA GLY D 41 17.84 27.45 -23.90
C GLY D 41 18.49 27.94 -25.18
N ARG D 42 18.33 29.23 -25.48
CA ARG D 42 19.05 29.86 -26.58
C ARG D 42 20.54 29.81 -26.29
N ALA D 43 21.34 29.64 -27.34
CA ALA D 43 22.79 29.73 -27.23
C ALA D 43 23.40 28.65 -26.36
N CYS D 44 22.84 27.45 -26.44
CA CYS D 44 23.40 26.26 -25.79
C CYS D 44 23.56 26.37 -24.27
N LYS D 45 22.78 27.27 -23.67
CA LYS D 45 22.72 27.50 -22.24
C LYS D 45 21.92 26.44 -21.51
N PRO D 46 22.58 25.70 -20.59
CA PRO D 46 21.84 24.77 -19.73
C PRO D 46 20.85 25.52 -18.82
N LEU D 47 19.63 25.02 -18.76
CA LEU D 47 18.58 25.71 -18.02
C LEU D 47 18.34 25.03 -16.68
N THR D 48 18.27 25.84 -15.64
CA THR D 48 18.07 25.30 -14.31
C THR D 48 16.64 25.59 -13.87
N GLY D 49 16.09 24.69 -13.06
CA GLY D 49 14.72 24.81 -12.56
C GLY D 49 13.63 24.62 -13.60
N VAL D 50 13.94 23.91 -14.68
CA VAL D 50 12.92 23.55 -15.68
C VAL D 50 12.11 22.35 -15.22
N LEU D 51 10.78 22.47 -15.27
CA LEU D 51 9.89 21.35 -14.97
C LEU D 51 9.82 20.37 -16.14
N LEU D 52 10.04 19.09 -15.83
CA LEU D 52 9.97 18.03 -16.80
C LEU D 52 9.08 16.95 -16.20
N ASP D 53 7.89 16.79 -16.77
CA ASP D 53 6.86 15.91 -16.24
C ASP D 53 6.64 14.81 -17.26
N PHE D 54 6.99 13.58 -16.92
CA PHE D 54 6.97 12.47 -17.86
C PHE D 54 5.79 11.58 -17.54
N TRP D 55 5.30 10.86 -18.55
CA TRP D 55 4.23 9.89 -18.36
C TRP D 55 4.19 8.95 -19.56
N GLN D 56 3.84 7.69 -19.30
CA GLN D 56 3.96 6.65 -20.32
C GLN D 56 3.14 5.41 -20.01
N ALA D 57 3.10 4.50 -20.99
CA ALA D 57 2.46 3.20 -20.81
C ALA D 57 3.38 2.24 -20.04
N ASP D 58 2.77 1.24 -19.40
CA ASP D 58 3.52 0.18 -18.73
C ASP D 58 4.04 -0.79 -19.77
N THR D 59 4.62 -1.92 -19.32
CA THR D 59 5.27 -2.86 -20.24
C THR D 59 4.33 -3.45 -21.32
N GLY D 60 3.04 -3.49 -21.03
CA GLY D 60 2.10 -4.05 -21.98
C GLY D 60 1.42 -3.04 -22.89
N GLY D 61 1.63 -1.74 -22.62
CA GLY D 61 1.12 -0.72 -23.51
C GLY D 61 -0.08 -0.01 -22.91
N ALA D 62 -0.19 -0.09 -21.59
CA ALA D 62 -1.37 0.37 -20.84
C ALA D 62 -1.07 1.54 -19.90
N TYR D 63 -1.86 2.59 -20.04
CA TYR D 63 -1.74 3.78 -19.21
C TYR D 63 -2.64 3.69 -17.98
N ASP D 64 -2.13 4.18 -16.85
CA ASP D 64 -2.85 4.11 -15.58
C ASP D 64 -3.63 5.39 -15.25
N MET D 65 -4.95 5.37 -15.46
CA MET D 65 -5.77 6.55 -15.18
C MET D 65 -6.24 6.68 -13.72
N THR D 66 -6.16 5.60 -12.96
CA THR D 66 -6.63 5.64 -11.58
C THR D 66 -5.53 6.05 -10.58
N GLY D 67 -4.29 5.66 -10.85
CA GLY D 67 -3.18 6.00 -9.95
C GLY D 67 -2.18 6.92 -10.61
N PHE D 68 -0.91 6.79 -10.24
CA PHE D 68 0.17 7.58 -10.85
C PHE D 68 1.35 6.71 -11.32
N ALA D 69 1.09 5.44 -11.59
CA ALA D 69 2.06 4.55 -12.21
C ALA D 69 2.61 5.17 -13.49
N PHE D 70 3.92 5.13 -13.62
CA PHE D 70 4.62 5.67 -14.81
C PHE D 70 4.37 7.13 -15.07
N ARG D 71 4.10 7.87 -14.00
CA ARG D 71 3.98 9.32 -14.09
C ARG D 71 4.90 9.89 -13.03
N GLY D 72 5.69 10.90 -13.40
CA GLY D 72 6.60 11.53 -12.47
C GLY D 72 7.33 12.71 -13.07
N HIS D 73 7.59 13.71 -12.24
CA HIS D 73 8.27 14.91 -12.70
C HIS D 73 9.53 15.24 -11.92
N GLN D 74 10.42 16.00 -12.54
CA GLN D 74 11.63 16.45 -11.88
C GLN D 74 11.88 17.91 -12.27
N PHE D 75 12.90 18.52 -11.66
CA PHE D 75 13.35 19.85 -12.08
C PHE D 75 14.84 19.79 -12.37
N THR D 76 15.23 20.32 -13.53
CA THR D 76 16.61 20.29 -13.97
C THR D 76 17.58 20.89 -12.96
N GLY D 77 18.80 20.32 -12.93
CA GLY D 77 19.89 20.75 -12.07
C GLY D 77 20.63 22.02 -12.48
N ALA D 78 21.67 22.34 -11.73
CA ALA D 78 22.49 23.50 -11.99
C ALA D 78 23.25 23.39 -13.32
N ASP D 79 23.58 22.16 -13.73
CA ASP D 79 24.24 21.97 -15.02
C ASP D 79 23.21 21.68 -16.12
N GLY D 80 21.93 21.80 -15.76
CA GLY D 80 20.82 21.68 -16.70
C GLY D 80 20.27 20.28 -16.85
N SER D 81 20.89 19.33 -16.17
CA SER D 81 20.63 17.91 -16.39
C SER D 81 19.29 17.40 -15.88
N PHE D 82 18.80 16.34 -16.52
CA PHE D 82 17.66 15.56 -16.05
C PHE D 82 18.00 14.06 -16.10
N THR D 83 17.31 13.26 -15.30
CA THR D 83 17.53 11.81 -15.23
C THR D 83 16.23 11.11 -14.98
N LEU D 84 15.93 10.09 -15.78
CA LEU D 84 14.69 9.35 -15.61
C LEU D 84 14.91 7.83 -15.66
N ARG D 85 14.56 7.15 -14.58
CA ARG D 85 14.60 5.70 -14.57
C ARG D 85 13.22 5.06 -14.76
N THR D 86 13.08 4.26 -15.79
CA THR D 86 11.80 3.63 -16.05
C THR D 86 12.00 2.30 -16.80
N ILE D 87 10.92 1.76 -17.34
CA ILE D 87 11.03 0.59 -18.18
C ILE D 87 10.48 1.01 -19.54
N VAL D 88 10.83 0.27 -20.59
CA VAL D 88 10.31 0.55 -21.92
C VAL D 88 8.79 0.31 -21.95
N PRO D 89 8.01 1.31 -22.44
CA PRO D 89 6.55 1.18 -22.56
C PRO D 89 6.16 0.29 -23.76
N GLY D 90 5.05 -0.41 -23.66
CA GLY D 90 4.63 -1.29 -24.75
C GLY D 90 3.87 -0.54 -25.81
N LEU D 91 3.65 -1.19 -26.95
CA LEU D 91 3.03 -0.55 -28.11
C LEU D 91 1.55 -0.41 -27.91
N TYR D 92 1.14 0.83 -27.69
CA TYR D 92 -0.26 1.22 -27.64
C TYR D 92 -0.90 1.22 -29.08
N PRO D 93 -2.16 0.78 -29.19
CA PRO D 93 -2.86 0.69 -30.48
C PRO D 93 -2.90 1.99 -31.28
N GLY D 94 -2.34 1.95 -32.49
CA GLY D 94 -2.35 3.10 -33.40
C GLY D 94 -1.13 3.99 -33.24
N ARG D 95 -0.34 3.73 -32.20
CA ARG D 95 0.82 4.56 -31.93
C ARG D 95 2.05 3.70 -32.01
N THR D 96 3.16 4.31 -32.45
CA THR D 96 4.45 3.69 -32.28
C THR D 96 4.83 3.94 -30.82
N ARG D 97 5.86 3.24 -30.36
CA ARG D 97 6.35 3.37 -28.99
C ARG D 97 6.79 4.81 -28.69
N HIS D 98 6.40 5.33 -27.53
CA HIS D 98 6.69 6.73 -27.18
C HIS D 98 6.65 7.00 -25.68
N ILE D 99 7.30 8.08 -25.27
CA ILE D 99 7.17 8.61 -23.92
C ILE D 99 6.65 10.03 -24.00
N HIS D 100 5.62 10.34 -23.22
CA HIS D 100 5.06 11.69 -23.19
C HIS D 100 5.80 12.53 -22.19
N VAL D 101 5.89 13.83 -22.47
CA VAL D 101 6.50 14.75 -21.53
C VAL D 101 6.05 16.20 -21.77
N LYS D 102 5.90 16.94 -20.68
CA LYS D 102 5.67 18.38 -20.71
C LYS D 102 6.93 18.99 -20.15
N ALA D 103 7.43 20.02 -20.82
CA ALA D 103 8.60 20.72 -20.35
C ALA D 103 8.23 22.17 -20.16
N GLN D 104 8.67 22.77 -19.06
CA GLN D 104 8.36 24.16 -18.72
C GLN D 104 9.50 24.91 -18.02
N ALA D 105 10.07 25.91 -18.69
CA ALA D 105 11.12 26.71 -18.07
C ALA D 105 10.43 27.61 -17.08
N PRO D 106 11.14 28.05 -16.02
CA PRO D 106 10.58 28.93 -14.97
C PRO D 106 9.91 30.18 -15.54
N GLY D 107 8.59 30.28 -15.36
CA GLY D 107 7.87 31.46 -15.81
C GLY D 107 7.62 31.61 -17.31
N ARG D 108 7.87 30.55 -18.06
CA ARG D 108 7.62 30.51 -19.50
C ARG D 108 6.56 29.43 -19.75
N PRO D 109 5.92 29.44 -20.93
CA PRO D 109 4.89 28.42 -21.14
C PRO D 109 5.42 27.00 -21.33
N VAL D 110 4.49 26.05 -21.20
CA VAL D 110 4.75 24.61 -21.30
C VAL D 110 4.93 24.11 -22.73
N LEU D 111 5.96 23.28 -22.92
CA LEU D 111 6.11 22.57 -24.16
C LEU D 111 5.55 21.16 -23.97
N THR D 112 4.54 20.77 -24.73
CA THR D 112 4.08 19.40 -24.69
C THR D 112 4.58 18.67 -25.91
N THR D 113 5.23 17.53 -25.70
CA THR D 113 5.81 16.79 -26.80
C THR D 113 5.97 15.31 -26.45
N GLN D 114 6.63 14.57 -27.34
CA GLN D 114 6.80 13.14 -27.21
C GLN D 114 8.20 12.73 -27.69
N LEU D 115 8.75 11.69 -27.05
CA LEU D 115 10.04 11.10 -27.43
C LEU D 115 9.92 9.69 -28.01
N TYR D 116 10.59 9.44 -29.12
CA TYR D 116 10.45 8.19 -29.85
C TYR D 116 11.67 7.29 -29.73
N PHE D 117 11.51 6.02 -30.09
CA PHE D 117 12.59 5.07 -29.99
C PHE D 117 13.06 4.69 -31.37
N PRO D 118 14.38 4.45 -31.52
CA PRO D 118 14.94 4.13 -32.84
C PRO D 118 14.46 2.78 -33.32
N GLY D 119 14.18 2.69 -34.62
CA GLY D 119 13.95 1.39 -35.25
C GLY D 119 12.67 0.69 -34.84
N GLU D 120 11.76 1.42 -34.20
CA GLU D 120 10.43 0.89 -33.99
C GLU D 120 9.77 0.83 -35.34
N PRO D 121 9.37 -0.38 -35.78
CA PRO D 121 8.69 -0.54 -37.07
C PRO D 121 7.49 0.40 -37.22
N ARG D 122 6.73 0.61 -36.15
CA ARG D 122 5.58 1.52 -36.23
C ARG D 122 5.99 2.98 -36.39
N ASN D 123 7.29 3.25 -36.48
CA ASN D 123 7.75 4.61 -36.81
C ASN D 123 7.38 4.98 -38.26
N THR D 124 7.27 3.96 -39.12
CA THR D 124 6.85 4.15 -40.51
C THR D 124 5.37 4.49 -40.69
N THR D 125 4.53 4.07 -39.74
CA THR D 125 3.08 4.15 -39.94
C THR D 125 2.44 5.20 -39.03
N ASP D 126 3.12 5.53 -37.94
CA ASP D 126 2.63 6.53 -37.01
C ASP D 126 2.95 7.92 -37.57
N ALA D 127 1.94 8.76 -37.69
CA ALA D 127 2.11 10.06 -38.31
C ALA D 127 2.80 11.04 -37.40
N LEU D 128 2.70 10.78 -36.09
CA LEU D 128 3.32 11.66 -35.08
C LEU D 128 4.83 11.48 -34.99
N PHE D 129 5.35 10.40 -35.59
CA PHE D 129 6.78 10.18 -35.56
C PHE D 129 7.60 11.31 -36.19
N ASP D 130 8.61 11.76 -35.46
CA ASP D 130 9.49 12.85 -35.85
C ASP D 130 10.92 12.52 -35.42
N PRO D 131 11.86 12.52 -36.38
CA PRO D 131 13.29 12.29 -36.12
C PRO D 131 13.86 13.24 -35.07
N ALA D 132 13.38 14.45 -35.03
CA ALA D 132 13.83 15.42 -34.04
C ALA D 132 13.50 14.96 -32.61
N LEU D 133 12.58 14.01 -32.51
CA LEU D 133 12.07 13.59 -31.21
C LEU D 133 12.57 12.21 -30.88
N LEU D 134 13.50 11.71 -31.69
CA LEU D 134 14.12 10.40 -31.49
C LEU D 134 15.17 10.46 -30.39
N MET D 135 15.06 9.60 -29.39
CA MET D 135 16.12 9.45 -28.42
C MET D 135 17.28 8.64 -29.00
N ASN D 136 18.47 8.88 -28.48
CA ASN D 136 19.57 7.98 -28.79
C ASN D 136 19.49 6.83 -27.79
N VAL D 137 19.32 5.61 -28.29
CA VAL D 137 19.17 4.43 -27.42
C VAL D 137 20.13 3.29 -27.76
N ARG D 138 20.87 2.85 -26.76
CA ARG D 138 21.78 1.73 -26.92
C ARG D 138 21.50 0.68 -25.85
N SER D 139 21.95 -0.55 -26.10
CA SER D 139 21.69 -1.62 -25.16
C SER D 139 22.87 -1.85 -24.23
N ALA D 140 22.93 -1.03 -23.20
CA ALA D 140 23.87 -1.22 -22.12
C ALA D 140 23.28 -2.12 -21.05
N GLY D 141 23.89 -3.27 -20.83
CA GLY D 141 23.55 -4.09 -19.69
C GLY D 141 22.18 -4.74 -19.63
N PRO D 142 21.48 -4.53 -18.49
CA PRO D 142 20.19 -5.21 -18.29
C PRO D 142 19.10 -4.75 -19.25
N GLY D 143 19.10 -3.46 -19.54
CA GLY D 143 18.09 -2.83 -20.36
C GLY D 143 18.74 -1.90 -21.36
N ARG D 144 18.13 -0.73 -21.52
CA ARG D 144 18.56 0.21 -22.54
C ARG D 144 18.84 1.57 -21.91
N GLU D 145 19.84 2.24 -22.46
CA GLU D 145 20.23 3.58 -22.04
C GLU D 145 19.88 4.57 -23.15
N GLY D 146 19.08 5.57 -22.80
CA GLY D 146 18.61 6.57 -23.74
C GLY D 146 19.19 7.93 -23.45
N THR D 147 19.38 8.74 -24.48
CA THR D 147 19.75 10.15 -24.27
C THR D 147 18.94 11.08 -25.17
N PHE D 148 18.59 12.24 -24.64
CA PHE D 148 17.87 13.28 -25.39
C PHE D 148 18.14 14.65 -24.74
N ASP D 149 18.43 15.66 -25.55
CA ASP D 149 18.53 17.07 -25.10
C ASP D 149 17.32 17.90 -25.57
N PHE D 150 16.66 18.57 -24.63
CA PHE D 150 15.62 19.53 -24.98
C PHE D 150 16.19 20.90 -25.35
N VAL D 151 15.50 21.58 -26.27
CA VAL D 151 15.80 22.95 -26.66
C VAL D 151 14.55 23.78 -26.50
N LEU D 152 14.61 24.77 -25.63
CA LEU D 152 13.50 25.68 -25.41
C LEU D 152 13.88 27.08 -25.92
N ASP D 153 13.01 27.68 -26.72
CA ASP D 153 13.27 29.01 -27.27
C ASP D 153 13.09 30.02 -26.13
N VAL D 154 14.15 30.20 -25.34
CA VAL D 154 14.06 30.91 -24.07
C VAL D 154 15.37 31.63 -23.70
FE FE E . -12.08 -9.51 -8.62
CL CL F . -28.29 -5.67 -3.77
FE FE G . 18.62 -21.89 14.37
FE FE H . -6.28 28.71 18.74
FE FE I . 0.64 7.84 -25.42
CL CL J . 13.65 4.75 -36.62
#